data_1RQ1
#
_entry.id   1RQ1
#
_cell.length_a   106.200
_cell.length_b   106.200
_cell.length_c   124.300
_cell.angle_alpha   90.00
_cell.angle_beta   90.00
_cell.angle_gamma   120.00
#
_symmetry.space_group_name_H-M   'P 62'
#
loop_
_entity.id
_entity.type
_entity.pdbx_description
1 polymer 'Hypothetical 65.0 kDa protein in COX14-COS3 intergenic region precursor'
2 non-polymer 'CADMIUM ION'
3 non-polymer 1-ETHYL-PYRROLIDINE-2,5-DIONE
4 non-polymer 'FLAVIN-ADENINE DINUCLEOTIDE'
5 water water
#
_entity_poly.entity_id   1
_entity_poly.type   'polypeptide(L)'
_entity_poly.pdbx_seq_one_letter_code
;GSHHHHHHSSGLVPRGSFNELNAINENIRDDLSALLKSDFFKYFRLDLYKQCSFWDANDGLCLNRACSVDVVEDWDTLPE
YWQPEILGSFNNDTMKEADDSDDECKFLDQLCQTSKKPVDIEDTINYCDVNDFNGKNAVLIDLTANPERFTGYGGKQAGQ
IWSTIYQDNCFTIGETGESLAKDAFYRLVSGFHASIGTHLSKEYLNTKTGKWEPNLDLFMARIGNFPDRVTNMYFNYAVV
AKALWKIQPYLPEFSFCDLVNKEIKNKMDNVISQLDTKIFNEDLVFANDLSLTLKDEFRSRFKNVTKIMDCVQCDRCRLW
GKIQTTGYATALKILFEINDADEFTKQHIVGKLTKYELIALLQTFGRLSESIESVNMFEKMYGKRL
;
_entity_poly.pdbx_strand_id   A
#
loop_
_chem_comp.id
_chem_comp.type
_chem_comp.name
_chem_comp.formula
CD non-polymer 'CADMIUM ION' 'Cd 2'
FAD non-polymer 'FLAVIN-ADENINE DINUCLEOTIDE' 'C27 H33 N9 O15 P2'
NEN non-polymer 1-ETHYL-PYRROLIDINE-2,5-DIONE 'C6 H9 N O2'
#
# COMPACT_ATOMS: atom_id res chain seq x y z
N GLY A 16 -15.56 -8.66 15.12
CA GLY A 16 -15.78 -10.13 15.25
C GLY A 16 -14.60 -10.92 14.73
N SER A 17 -14.54 -11.06 13.40
CA SER A 17 -13.44 -11.77 12.75
C SER A 17 -12.09 -11.12 13.03
N PHE A 18 -12.13 -9.96 13.70
CA PHE A 18 -10.93 -9.22 14.06
C PHE A 18 -9.86 -10.16 14.63
N ASN A 19 -10.28 -11.06 15.51
CA ASN A 19 -9.38 -12.01 16.15
C ASN A 19 -8.69 -12.94 15.16
N GLU A 20 -9.43 -13.43 14.18
CA GLU A 20 -8.85 -14.33 13.20
C GLU A 20 -7.70 -13.66 12.46
N LEU A 21 -7.94 -12.46 11.93
CA LEU A 21 -6.90 -11.75 11.21
C LEU A 21 -5.71 -11.49 12.13
N ASN A 22 -5.97 -11.21 13.41
CA ASN A 22 -4.88 -10.97 14.36
C ASN A 22 -4.06 -12.23 14.54
N ALA A 23 -4.75 -13.38 14.58
CA ALA A 23 -4.06 -14.65 14.75
C ALA A 23 -3.20 -14.89 13.51
N ILE A 24 -3.84 -14.79 12.34
CA ILE A 24 -3.19 -14.97 11.06
C ILE A 24 -2.00 -14.02 10.90
N ASN A 25 -2.19 -12.78 11.33
CA ASN A 25 -1.15 -11.79 11.22
C ASN A 25 0.04 -12.05 12.15
N GLU A 26 -0.22 -12.55 13.35
CA GLU A 26 0.87 -12.80 14.27
C GLU A 26 1.70 -14.00 13.81
N ASN A 27 1.05 -14.98 13.19
CA ASN A 27 1.74 -16.16 12.71
C ASN A 27 2.60 -15.82 11.50
N ILE A 28 2.39 -14.64 10.95
CA ILE A 28 3.10 -14.24 9.74
C ILE A 28 4.01 -13.02 9.80
N ARG A 29 3.80 -12.16 10.79
CA ARG A 29 4.60 -10.95 10.93
C ARG A 29 6.09 -11.12 10.64
N ASP A 30 6.72 -12.12 11.24
CA ASP A 30 8.15 -12.31 11.02
C ASP A 30 8.51 -12.70 9.60
N ASP A 31 7.88 -13.73 9.07
CA ASP A 31 8.16 -14.18 7.72
C ASP A 31 7.92 -13.10 6.68
N LEU A 32 6.85 -12.31 6.86
CA LEU A 32 6.50 -11.24 5.93
C LEU A 32 7.50 -10.09 5.99
N SER A 33 8.00 -9.80 7.18
CA SER A 33 8.96 -8.71 7.32
C SER A 33 10.29 -9.10 6.69
N ALA A 34 10.63 -10.38 6.76
CA ALA A 34 11.87 -10.87 6.19
C ALA A 34 11.77 -10.84 4.68
N LEU A 35 10.65 -11.34 4.17
CA LEU A 35 10.38 -11.37 2.74
C LEU A 35 10.51 -9.97 2.16
N LEU A 36 9.90 -9.00 2.84
CA LEU A 36 9.93 -7.60 2.39
C LEU A 36 11.29 -6.93 2.41
N LYS A 37 12.24 -7.49 3.14
CA LYS A 37 13.58 -6.91 3.21
C LYS A 37 14.48 -7.53 2.14
N SER A 38 13.97 -8.54 1.47
CA SER A 38 14.73 -9.21 0.43
C SER A 38 15.03 -8.23 -0.70
N ASP A 39 16.07 -8.53 -1.48
CA ASP A 39 16.48 -7.69 -2.59
C ASP A 39 15.35 -7.55 -3.62
N PHE A 40 14.59 -8.63 -3.79
CA PHE A 40 13.48 -8.67 -4.74
C PHE A 40 12.35 -7.71 -4.40
N PHE A 41 12.09 -7.49 -3.11
CA PHE A 41 11.00 -6.61 -2.68
C PHE A 41 11.42 -5.28 -2.07
N LYS A 42 12.68 -5.17 -1.66
CA LYS A 42 13.14 -3.96 -1.00
C LYS A 42 13.18 -2.68 -1.83
N TYR A 43 13.17 -2.80 -3.15
CA TYR A 43 13.23 -1.60 -3.98
C TYR A 43 11.93 -1.30 -4.73
N PHE A 44 11.66 -0.02 -4.92
CA PHE A 44 10.48 0.41 -5.65
C PHE A 44 10.88 1.45 -6.69
N ARG A 45 10.33 1.31 -7.88
CA ARG A 45 10.60 2.22 -8.99
C ARG A 45 9.70 3.46 -8.80
N LEU A 46 10.31 4.64 -8.72
CA LEU A 46 9.55 5.87 -8.54
C LEU A 46 10.06 6.98 -9.45
N ASP A 47 9.15 7.62 -10.17
CA ASP A 47 9.53 8.71 -11.05
C ASP A 47 9.81 9.92 -10.16
N LEU A 48 11.03 10.47 -10.26
CA LEU A 48 11.38 11.63 -9.44
C LEU A 48 10.63 12.88 -9.86
N TYR A 49 10.21 12.94 -11.12
CA TYR A 49 9.42 14.07 -11.60
C TYR A 49 7.97 13.74 -11.32
N LYS A 50 7.21 14.73 -10.87
CA LYS A 50 5.81 14.50 -10.61
C LYS A 50 4.95 15.52 -11.36
N GLN A 51 3.81 15.04 -11.84
CA GLN A 51 2.88 15.85 -12.59
C GLN A 51 1.57 15.96 -11.82
N CYS A 52 1.43 17.00 -11.01
CA CYS A 52 0.18 17.16 -10.28
C CYS A 52 -0.76 17.88 -11.24
N SER A 53 -1.57 17.10 -11.93
CA SER A 53 -2.51 17.60 -12.92
C SER A 53 -3.92 17.82 -12.39
N PHE A 54 -4.10 17.68 -11.09
CA PHE A 54 -5.42 17.87 -10.51
C PHE A 54 -5.57 19.28 -9.94
N TRP A 55 -4.55 20.09 -10.18
CA TRP A 55 -4.54 21.47 -9.71
C TRP A 55 -3.59 22.34 -10.54
N LEU A 61 -4.61 24.12 -4.86
CA LEU A 61 -3.82 23.30 -3.95
C LEU A 61 -2.80 24.15 -3.19
N CYS A 62 -2.86 24.10 -1.86
CA CYS A 62 -1.93 24.88 -1.03
C CYS A 62 -0.52 24.30 -1.09
N LEU A 63 0.46 25.16 -1.35
CA LEU A 63 1.85 24.72 -1.46
C LEU A 63 2.81 25.19 -0.36
N ASN A 64 2.50 26.30 0.28
CA ASN A 64 3.34 26.84 1.34
C ASN A 64 3.39 25.93 2.56
N ARG A 65 4.55 25.84 3.19
CA ARG A 65 4.69 24.99 4.37
C ARG A 65 3.67 25.43 5.41
N ALA A 66 3.32 26.71 5.39
CA ALA A 66 2.35 27.24 6.35
C ALA A 66 1.02 26.49 6.31
N CYS A 67 0.76 25.79 5.22
CA CYS A 67 -0.50 25.05 5.08
C CYS A 67 -0.31 23.60 4.61
N SER A 68 0.89 23.08 4.82
CA SER A 68 1.20 21.71 4.42
C SER A 68 1.75 20.94 5.61
N VAL A 69 1.93 21.63 6.71
CA VAL A 69 2.46 21.00 7.90
C VAL A 69 1.36 20.74 8.92
N ASP A 70 1.57 19.73 9.74
CA ASP A 70 0.61 19.37 10.79
C ASP A 70 0.88 20.26 12.00
N VAL A 71 -0.20 20.69 12.65
CA VAL A 71 -0.10 21.55 13.84
C VAL A 71 0.44 20.79 15.07
N VAL A 72 0.44 19.47 14.99
CA VAL A 72 0.90 18.59 16.06
C VAL A 72 2.16 19.04 16.83
N GLU A 73 3.06 19.76 16.17
CA GLU A 73 4.28 20.23 16.83
C GLU A 73 4.45 21.73 16.60
N ASP A 74 5.11 22.40 17.54
CA ASP A 74 5.37 23.83 17.37
C ASP A 74 6.72 23.85 16.65
N TRP A 75 6.68 23.72 15.33
CA TRP A 75 7.88 23.66 14.52
C TRP A 75 8.91 24.77 14.72
N ASP A 76 8.47 26.02 14.77
CA ASP A 76 9.41 27.13 14.95
C ASP A 76 10.27 26.91 16.20
N THR A 77 9.84 25.98 17.04
CA THR A 77 10.53 25.64 18.28
C THR A 77 11.62 24.60 18.12
N LEU A 78 11.44 23.70 17.17
CA LEU A 78 12.40 22.62 16.98
C LEU A 78 13.60 23.00 16.12
N PRO A 79 14.65 22.18 16.17
CA PRO A 79 15.87 22.43 15.39
C PRO A 79 15.58 22.25 13.88
N GLU A 80 16.41 22.86 13.04
CA GLU A 80 16.24 22.78 11.59
C GLU A 80 16.13 21.38 11.02
N TYR A 81 16.96 20.46 11.51
CA TYR A 81 16.97 19.09 11.04
C TYR A 81 15.78 18.26 11.51
N TRP A 82 14.79 18.91 12.13
CA TRP A 82 13.61 18.21 12.61
C TRP A 82 12.32 18.76 12.01
N GLN A 83 12.47 19.65 11.03
CA GLN A 83 11.31 20.24 10.36
C GLN A 83 10.71 19.22 9.41
N PRO A 84 9.42 19.37 9.09
CA PRO A 84 8.77 18.43 8.17
C PRO A 84 9.58 18.20 6.87
N GLU A 85 10.22 19.24 6.36
CA GLU A 85 11.00 19.12 5.12
C GLU A 85 12.13 18.09 5.19
N ILE A 86 12.63 17.83 6.38
CA ILE A 86 13.72 16.87 6.54
C ILE A 86 13.16 15.53 7.00
N LEU A 87 12.16 15.59 7.87
CA LEU A 87 11.56 14.37 8.37
C LEU A 87 10.95 13.60 7.21
N GLY A 88 10.45 14.32 6.21
CA GLY A 88 9.81 13.68 5.07
C GLY A 88 10.63 13.48 3.81
N SER A 89 11.92 13.82 3.87
CA SER A 89 12.79 13.65 2.71
C SER A 89 13.37 12.25 2.71
N PHE A 90 13.85 11.82 1.54
CA PHE A 90 14.45 10.50 1.37
C PHE A 90 15.84 10.53 1.96
N ASN A 91 16.42 9.37 2.19
CA ASN A 91 17.78 9.30 2.69
C ASN A 91 18.70 9.27 1.48
N ASN A 92 18.91 10.45 0.90
CA ASN A 92 19.74 10.69 -0.29
C ASN A 92 20.49 9.48 -0.88
N ASP A 93 21.38 8.92 -0.06
CA ASP A 93 22.22 7.78 -0.39
C ASP A 93 21.45 6.48 -0.64
N THR A 94 20.13 6.57 -0.78
CA THR A 94 19.32 5.36 -0.93
C THR A 94 18.51 5.13 -2.20
N MET A 95 19.06 5.51 -3.36
CA MET A 95 18.33 5.29 -4.60
C MET A 95 19.21 5.18 -5.83
N LYS A 96 19.26 3.96 -6.38
CA LYS A 96 20.05 3.68 -7.56
C LYS A 96 19.26 4.01 -8.82
N GLU A 97 19.98 4.17 -9.92
CA GLU A 97 19.35 4.49 -11.21
C GLU A 97 18.49 3.31 -11.63
N ALA A 98 17.31 3.62 -12.15
CA ALA A 98 16.40 2.57 -12.60
C ALA A 98 16.45 2.43 -14.11
N ASP A 99 15.58 1.58 -14.63
CA ASP A 99 15.48 1.32 -16.07
C ASP A 99 16.83 0.98 -16.71
N ASP A 100 17.86 0.84 -15.89
CA ASP A 100 19.18 0.47 -16.40
C ASP A 100 19.02 -1.05 -16.57
N SER A 101 17.92 -1.54 -15.99
CA SER A 101 17.50 -2.94 -16.02
C SER A 101 15.97 -2.88 -16.01
N ASP A 102 15.34 -3.65 -16.90
CA ASP A 102 13.88 -3.67 -17.01
C ASP A 102 13.23 -4.78 -16.17
N ASP A 103 13.94 -5.23 -15.14
CA ASP A 103 13.45 -6.30 -14.28
C ASP A 103 12.10 -6.00 -13.64
N GLU A 104 11.97 -4.80 -13.11
CA GLU A 104 10.74 -4.36 -12.46
C GLU A 104 9.58 -4.26 -13.43
N CYS A 105 9.89 -4.02 -14.70
CA CYS A 105 8.87 -3.86 -15.73
C CYS A 105 8.44 -5.16 -16.40
N LYS A 106 9.12 -6.26 -16.09
CA LYS A 106 8.78 -7.53 -16.70
C LYS A 106 7.59 -8.25 -16.05
N PHE A 107 7.02 -9.19 -16.78
CA PHE A 107 5.91 -9.97 -16.27
C PHE A 107 6.49 -11.11 -15.45
N LEU A 108 5.72 -11.62 -14.50
CA LEU A 108 6.19 -12.73 -13.69
C LEU A 108 6.47 -13.87 -14.65
N ASP A 109 5.74 -13.83 -15.78
CA ASP A 109 5.81 -14.76 -16.90
C ASP A 109 7.22 -14.94 -17.41
N GLN A 110 7.87 -13.79 -17.64
CA GLN A 110 9.19 -13.73 -18.21
C GLN A 110 10.37 -13.41 -17.31
N LEU A 111 10.30 -13.77 -16.03
CA LEU A 111 11.44 -13.52 -15.16
C LEU A 111 12.41 -14.68 -15.30
N CYS A 112 11.86 -15.88 -15.40
CA CYS A 112 12.65 -17.08 -15.57
C CYS A 112 12.19 -17.79 -16.82
N GLN A 113 13.12 -18.50 -17.45
CA GLN A 113 12.87 -19.24 -18.68
C GLN A 113 12.18 -20.57 -18.44
N THR A 114 10.91 -20.65 -18.86
CA THR A 114 10.10 -21.84 -18.69
C THR A 114 10.38 -22.88 -19.77
N SER A 115 10.90 -22.42 -20.91
CA SER A 115 11.20 -23.32 -22.01
C SER A 115 12.11 -22.64 -23.03
N LYS A 116 13.01 -23.42 -23.62
CA LYS A 116 13.92 -22.90 -24.63
C LYS A 116 13.04 -22.44 -25.78
N LYS A 117 13.12 -21.16 -26.13
CA LYS A 117 12.31 -20.62 -27.21
C LYS A 117 13.13 -19.79 -28.20
N TYR A 127 11.86 -4.10 -21.12
CA TYR A 127 10.41 -4.21 -21.19
C TYR A 127 9.73 -2.98 -20.60
N CYS A 128 10.49 -2.08 -20.00
CA CYS A 128 9.92 -0.89 -19.40
C CYS A 128 9.18 -0.05 -20.46
N ASP A 129 9.56 -0.26 -21.72
CA ASP A 129 8.92 0.44 -22.83
C ASP A 129 7.75 -0.44 -23.24
N VAL A 130 8.06 -1.72 -23.44
CA VAL A 130 7.10 -2.74 -23.85
C VAL A 130 5.90 -2.91 -22.91
N ASN A 131 6.06 -2.53 -21.65
CA ASN A 131 4.97 -2.69 -20.69
C ASN A 131 4.33 -1.40 -20.15
N ASP A 132 4.76 -0.25 -20.70
CA ASP A 132 4.19 1.06 -20.33
C ASP A 132 4.76 1.87 -19.17
N PHE A 133 5.95 1.56 -18.69
CA PHE A 133 6.52 2.36 -17.60
C PHE A 133 7.12 3.66 -18.16
N ASN A 134 6.24 4.64 -18.34
CA ASN A 134 6.61 5.95 -18.89
C ASN A 134 7.12 6.97 -17.88
N GLY A 135 8.14 6.58 -17.10
CA GLY A 135 8.68 7.50 -16.12
C GLY A 135 9.79 8.39 -16.67
N LYS A 136 9.65 9.69 -16.48
CA LYS A 136 10.66 10.65 -16.96
C LYS A 136 12.02 10.28 -16.37
N ASN A 137 12.14 10.45 -15.06
CA ASN A 137 13.38 10.13 -14.36
C ASN A 137 13.08 9.14 -13.25
N ALA A 138 12.91 7.87 -13.62
CA ALA A 138 12.62 6.82 -12.67
C ALA A 138 13.86 6.37 -11.92
N VAL A 139 13.67 5.96 -10.67
CA VAL A 139 14.77 5.48 -9.85
C VAL A 139 14.25 4.39 -8.93
N LEU A 140 15.15 3.63 -8.34
CA LEU A 140 14.77 2.59 -7.42
C LEU A 140 15.13 3.11 -6.04
N ILE A 141 14.13 3.23 -5.17
CA ILE A 141 14.39 3.70 -3.82
C ILE A 141 14.41 2.51 -2.88
N ASP A 142 15.28 2.58 -1.87
CA ASP A 142 15.40 1.52 -0.89
C ASP A 142 14.32 1.74 0.17
N LEU A 143 13.30 0.90 0.16
CA LEU A 143 12.21 1.03 1.11
C LEU A 143 12.63 0.70 2.55
N THR A 144 13.68 -0.11 2.70
CA THR A 144 14.15 -0.49 4.02
C THR A 144 14.81 0.71 4.68
N ALA A 145 15.36 1.59 3.85
CA ALA A 145 16.02 2.78 4.35
C ALA A 145 15.09 3.99 4.31
N ASN A 146 13.87 3.79 3.82
CA ASN A 146 12.91 4.89 3.71
C ASN A 146 11.53 4.45 4.18
N PRO A 147 11.44 3.97 5.42
CA PRO A 147 10.18 3.51 6.00
C PRO A 147 9.15 4.62 6.13
N GLU A 148 7.89 4.21 6.13
CA GLU A 148 6.79 5.14 6.28
C GLU A 148 6.79 5.47 7.76
N ARG A 149 6.65 6.75 8.10
CA ARG A 149 6.65 7.16 9.51
C ARG A 149 6.20 8.61 9.62
N PHE A 150 6.09 9.12 10.84
CA PHE A 150 5.68 10.51 11.04
C PHE A 150 6.63 11.47 10.31
N THR A 151 6.09 12.37 9.49
CA THR A 151 6.95 13.32 8.77
C THR A 151 6.60 14.75 9.09
N GLY A 152 5.41 14.98 9.64
CA GLY A 152 5.00 16.33 9.95
C GLY A 152 4.15 16.97 8.86
N TYR A 153 3.86 16.18 7.82
CA TYR A 153 3.05 16.62 6.69
C TYR A 153 1.59 16.63 7.14
N GLY A 154 0.81 17.55 6.60
CA GLY A 154 -0.60 17.64 6.95
C GLY A 154 -1.17 18.96 6.48
N GLY A 155 -1.85 19.67 7.36
CA GLY A 155 -2.43 20.96 6.99
C GLY A 155 -3.48 20.89 5.91
N LYS A 156 -3.74 22.03 5.30
CA LYS A 156 -4.74 22.12 4.24
C LYS A 156 -4.41 21.25 3.04
N GLN A 157 -3.13 21.24 2.63
CA GLN A 157 -2.71 20.46 1.47
C GLN A 157 -3.09 18.99 1.59
N ALA A 158 -2.60 18.37 2.66
CA ALA A 158 -2.91 16.96 2.89
C ALA A 158 -4.42 16.82 2.93
N GLY A 159 -5.08 17.81 3.51
CA GLY A 159 -6.52 17.80 3.61
C GLY A 159 -7.18 17.89 2.26
N GLN A 160 -6.66 18.75 1.40
CA GLN A 160 -7.21 18.93 0.07
C GLN A 160 -7.09 17.63 -0.73
N ILE A 161 -6.00 16.91 -0.53
CA ILE A 161 -5.77 15.67 -1.24
C ILE A 161 -6.69 14.54 -0.78
N TRP A 162 -6.75 14.28 0.52
CA TRP A 162 -7.64 13.23 1.04
C TRP A 162 -9.07 13.57 0.67
N SER A 163 -9.38 14.85 0.78
CA SER A 163 -10.69 15.36 0.47
C SER A 163 -11.08 15.05 -0.99
N THR A 164 -10.18 15.31 -1.91
CA THR A 164 -10.44 15.04 -3.32
C THR A 164 -10.62 13.56 -3.62
N ILE A 165 -9.84 12.69 -2.97
CA ILE A 165 -9.97 11.24 -3.19
C ILE A 165 -11.36 10.75 -2.77
N TYR A 166 -11.81 11.15 -1.58
CA TYR A 166 -13.13 10.75 -1.07
C TYR A 166 -14.26 11.33 -1.92
N GLN A 167 -14.06 12.56 -2.38
CA GLN A 167 -15.06 13.26 -3.19
C GLN A 167 -15.10 12.71 -4.62
N ASP A 168 -14.14 11.88 -4.98
CA ASP A 168 -14.09 11.26 -6.30
C ASP A 168 -14.67 9.85 -6.21
N ASN A 169 -15.68 9.72 -5.37
CA ASN A 169 -16.38 8.45 -5.17
C ASN A 169 -17.75 8.59 -5.84
N CYS A 170 -17.74 8.70 -7.16
CA CYS A 170 -18.96 8.86 -7.93
C CYS A 170 -18.95 7.95 -9.17
N PHE A 171 -19.90 7.03 -9.24
CA PHE A 171 -19.97 6.11 -10.37
C PHE A 171 -21.18 6.39 -11.26
N THR A 172 -21.30 5.63 -12.34
CA THR A 172 -22.40 5.78 -13.31
C THR A 172 -23.72 5.29 -12.72
N ILE A 173 -24.60 6.24 -12.42
CA ILE A 173 -25.91 5.95 -11.83
C ILE A 173 -26.69 4.90 -12.62
N GLY A 174 -27.57 4.19 -11.91
CA GLY A 174 -28.36 3.15 -12.56
C GLY A 174 -27.67 1.81 -12.55
N GLU A 175 -26.42 1.80 -13.02
CA GLU A 175 -25.59 0.59 -13.08
C GLU A 175 -25.79 -0.34 -11.88
N THR A 176 -25.87 -1.63 -12.15
CA THR A 176 -26.07 -2.64 -11.12
C THR A 176 -24.93 -2.71 -10.11
N GLY A 177 -25.25 -2.50 -8.84
CA GLY A 177 -24.25 -2.54 -7.79
C GLY A 177 -23.65 -1.17 -7.59
N GLU A 178 -24.40 -0.16 -7.99
CA GLU A 178 -23.97 1.23 -7.88
C GLU A 178 -23.55 1.59 -6.45
N SER A 179 -24.48 1.42 -5.52
CA SER A 179 -24.23 1.72 -4.12
C SER A 179 -23.01 0.96 -3.61
N LEU A 180 -23.07 -0.36 -3.74
CA LEU A 180 -21.99 -1.24 -3.30
C LEU A 180 -20.60 -0.75 -3.76
N ALA A 181 -20.50 -0.36 -5.02
CA ALA A 181 -19.25 0.13 -5.56
C ALA A 181 -18.73 1.33 -4.76
N LYS A 182 -19.62 2.26 -4.42
CA LYS A 182 -19.21 3.44 -3.67
C LYS A 182 -18.82 3.10 -2.24
N ASP A 183 -19.47 2.11 -1.65
CA ASP A 183 -19.19 1.70 -0.28
C ASP A 183 -17.80 1.07 -0.18
N ALA A 184 -17.48 0.21 -1.15
CA ALA A 184 -16.18 -0.46 -1.18
C ALA A 184 -15.07 0.56 -1.47
N PHE A 185 -15.32 1.46 -2.42
CA PHE A 185 -14.31 2.46 -2.75
C PHE A 185 -13.98 3.32 -1.54
N TYR A 186 -15.03 3.75 -0.84
CA TYR A 186 -14.87 4.56 0.35
C TYR A 186 -14.11 3.77 1.43
N ARG A 187 -14.56 2.56 1.68
CA ARG A 187 -13.94 1.72 2.69
C ARG A 187 -12.45 1.49 2.43
N LEU A 188 -12.09 1.19 1.18
CA LEU A 188 -10.68 0.97 0.84
C LEU A 188 -9.86 2.22 1.13
N VAL A 189 -10.36 3.38 0.72
CA VAL A 189 -9.67 4.64 0.94
C VAL A 189 -9.55 4.94 2.42
N SER A 190 -10.62 4.66 3.16
CA SER A 190 -10.65 4.90 4.60
C SER A 190 -9.62 4.01 5.31
N GLY A 191 -9.52 2.76 4.88
CA GLY A 191 -8.54 1.86 5.49
C GLY A 191 -7.12 2.28 5.16
N PHE A 192 -6.92 2.82 3.95
CA PHE A 192 -5.61 3.27 3.51
C PHE A 192 -5.23 4.47 4.38
N HIS A 193 -6.17 5.40 4.52
CA HIS A 193 -6.03 6.62 5.31
C HIS A 193 -5.68 6.28 6.77
N ALA A 194 -6.47 5.39 7.37
CA ALA A 194 -6.28 4.97 8.75
C ALA A 194 -4.95 4.27 8.95
N SER A 195 -4.54 3.47 7.96
CA SER A 195 -3.28 2.75 8.03
C SER A 195 -2.12 3.75 8.15
N ILE A 196 -2.19 4.83 7.39
CA ILE A 196 -1.14 5.83 7.45
C ILE A 196 -1.16 6.52 8.79
N GLY A 197 -2.35 6.95 9.22
CA GLY A 197 -2.51 7.63 10.48
C GLY A 197 -1.95 6.78 11.62
N THR A 198 -2.29 5.49 11.60
CA THR A 198 -1.83 4.51 12.56
C THR A 198 -0.31 4.45 12.55
N HIS A 199 0.24 4.46 11.35
CA HIS A 199 1.67 4.36 11.16
C HIS A 199 2.44 5.54 11.73
N LEU A 200 2.03 6.74 11.37
CA LEU A 200 2.72 7.93 11.86
C LEU A 200 2.56 8.00 13.39
N SER A 201 1.57 7.30 13.93
CA SER A 201 1.32 7.26 15.38
C SER A 201 2.26 6.30 16.07
N LYS A 202 2.45 5.12 15.47
CA LYS A 202 3.36 4.13 16.02
C LYS A 202 4.79 4.67 15.97
N GLU A 203 5.19 5.15 14.80
CA GLU A 203 6.52 5.67 14.54
C GLU A 203 6.59 7.18 14.68
N TYR A 204 6.22 7.69 15.85
CA TYR A 204 6.22 9.13 16.07
C TYR A 204 7.55 9.62 16.66
N LEU A 205 7.85 10.90 16.42
CA LEU A 205 9.11 11.47 16.93
C LEU A 205 8.95 12.20 18.25
N ASN A 206 9.81 11.88 19.21
CA ASN A 206 9.79 12.51 20.52
C ASN A 206 10.69 13.74 20.37
N THR A 207 10.07 14.90 20.28
CA THR A 207 10.82 16.14 20.09
C THR A 207 11.71 16.54 21.25
N LYS A 208 11.79 15.69 22.28
CA LYS A 208 12.62 15.96 23.44
C LYS A 208 13.75 14.94 23.54
N THR A 209 13.39 13.66 23.50
CA THR A 209 14.39 12.60 23.58
C THR A 209 15.03 12.44 22.21
N GLY A 210 14.34 12.93 21.18
CA GLY A 210 14.86 12.82 19.83
C GLY A 210 14.75 11.36 19.39
N LYS A 211 13.86 10.62 20.04
CA LYS A 211 13.67 9.20 19.74
C LYS A 211 12.32 8.93 19.08
N TRP A 212 12.31 7.95 18.18
CA TRP A 212 11.07 7.57 17.51
C TRP A 212 10.40 6.55 18.42
N GLU A 213 9.13 6.77 18.72
CA GLU A 213 8.41 5.89 19.63
C GLU A 213 6.89 6.05 19.47
N PRO A 214 6.11 5.08 19.96
CA PRO A 214 4.66 5.18 19.84
C PRO A 214 4.09 6.41 20.54
N ASN A 215 2.98 6.89 20.00
CA ASN A 215 2.28 8.04 20.53
C ASN A 215 0.81 7.64 20.68
N LEU A 216 0.47 7.06 21.83
CA LEU A 216 -0.89 6.60 22.12
C LEU A 216 -1.93 7.70 21.99
N ASP A 217 -1.62 8.88 22.51
CA ASP A 217 -2.57 9.97 22.44
C ASP A 217 -2.95 10.29 21.01
N LEU A 218 -1.96 10.32 20.13
CA LEU A 218 -2.20 10.62 18.73
C LEU A 218 -2.97 9.48 18.09
N PHE A 219 -2.57 8.23 18.38
CA PHE A 219 -3.27 7.10 17.81
C PHE A 219 -4.75 7.18 18.15
N MET A 220 -5.04 7.49 19.42
CA MET A 220 -6.40 7.61 19.92
C MET A 220 -7.18 8.74 19.23
N ALA A 221 -6.51 9.85 18.96
CA ALA A 221 -7.13 10.99 18.31
C ALA A 221 -7.44 10.77 16.83
N ARG A 222 -6.58 10.01 16.14
CA ARG A 222 -6.75 9.75 14.71
C ARG A 222 -7.50 8.45 14.38
N ILE A 223 -7.15 7.38 15.09
CA ILE A 223 -7.76 6.06 14.86
C ILE A 223 -8.50 5.49 16.07
N GLY A 224 -7.84 5.54 17.23
CA GLY A 224 -8.44 4.99 18.45
C GLY A 224 -9.93 5.19 18.67
N ASN A 225 -10.35 6.45 18.78
CA ASN A 225 -11.74 6.78 19.04
C ASN A 225 -12.71 6.71 17.86
N PHE A 226 -12.29 6.07 16.77
CA PHE A 226 -13.15 5.94 15.61
C PHE A 226 -13.13 4.52 15.13
N PRO A 227 -13.93 3.67 15.78
CA PRO A 227 -14.07 2.23 15.49
C PRO A 227 -14.09 1.90 14.00
N ASP A 228 -14.91 2.64 13.25
CA ASP A 228 -15.04 2.43 11.81
C ASP A 228 -13.68 2.47 11.10
N ARG A 229 -12.79 3.33 11.56
CA ARG A 229 -11.47 3.45 10.95
C ARG A 229 -10.60 2.22 11.22
N VAL A 230 -10.74 1.64 12.40
CA VAL A 230 -9.98 0.45 12.72
C VAL A 230 -10.53 -0.70 11.89
N THR A 231 -11.84 -0.74 11.76
CA THR A 231 -12.51 -1.78 10.99
C THR A 231 -12.06 -1.80 9.55
N ASN A 232 -11.95 -0.60 8.98
CA ASN A 232 -11.56 -0.44 7.60
C ASN A 232 -10.15 -0.94 7.32
N MET A 233 -9.26 -0.86 8.31
CA MET A 233 -7.92 -1.37 8.10
C MET A 233 -8.04 -2.89 8.02
N TYR A 234 -8.83 -3.48 8.91
CA TYR A 234 -9.01 -4.93 8.85
C TYR A 234 -9.73 -5.28 7.55
N PHE A 235 -10.49 -4.33 6.99
CA PHE A 235 -11.18 -4.62 5.75
C PHE A 235 -10.15 -4.68 4.62
N ASN A 236 -9.24 -3.70 4.62
CA ASN A 236 -8.19 -3.63 3.62
C ASN A 236 -7.26 -4.83 3.78
N TYR A 237 -6.92 -5.15 5.03
CA TYR A 237 -6.06 -6.29 5.29
C TYR A 237 -6.60 -7.54 4.60
N ALA A 238 -7.88 -7.81 4.79
CA ALA A 238 -8.51 -8.99 4.18
C ALA A 238 -8.60 -8.89 2.66
N VAL A 239 -8.90 -7.71 2.13
CA VAL A 239 -9.00 -7.56 0.68
C VAL A 239 -7.67 -7.91 0.01
N VAL A 240 -6.58 -7.33 0.52
CA VAL A 240 -5.26 -7.60 -0.02
C VAL A 240 -4.82 -9.06 0.24
N ALA A 241 -5.10 -9.57 1.44
CA ALA A 241 -4.75 -10.95 1.76
C ALA A 241 -5.52 -11.94 0.87
N LYS A 242 -6.76 -11.59 0.52
CA LYS A 242 -7.57 -12.47 -0.33
C LYS A 242 -7.03 -12.49 -1.76
N ALA A 243 -6.41 -11.39 -2.18
CA ALA A 243 -5.84 -11.31 -3.52
C ALA A 243 -4.59 -12.19 -3.60
N LEU A 244 -3.71 -12.05 -2.62
CA LEU A 244 -2.49 -12.84 -2.58
C LEU A 244 -2.87 -14.32 -2.58
N TRP A 245 -3.91 -14.67 -1.82
CA TRP A 245 -4.36 -16.04 -1.74
C TRP A 245 -4.98 -16.55 -3.05
N LYS A 246 -5.65 -15.65 -3.78
CA LYS A 246 -6.29 -16.01 -5.05
C LYS A 246 -5.32 -16.22 -6.20
N ILE A 247 -4.15 -15.58 -6.14
CA ILE A 247 -3.15 -15.72 -7.20
C ILE A 247 -2.14 -16.82 -6.93
N GLN A 248 -2.01 -17.22 -5.65
CA GLN A 248 -1.03 -18.24 -5.29
C GLN A 248 -0.98 -19.47 -6.20
N PRO A 249 -2.15 -20.03 -6.55
CA PRO A 249 -2.18 -21.21 -7.42
C PRO A 249 -1.65 -20.97 -8.83
N TYR A 250 -1.71 -19.73 -9.30
CA TYR A 250 -1.28 -19.40 -10.65
C TYR A 250 0.04 -18.65 -10.80
N LEU A 251 0.74 -18.51 -9.68
CA LEU A 251 2.02 -17.80 -9.65
C LEU A 251 3.05 -18.53 -10.49
N PRO A 252 3.78 -17.80 -11.35
CA PRO A 252 4.79 -18.51 -12.15
C PRO A 252 6.02 -18.75 -11.27
N GLU A 253 6.83 -19.74 -11.61
CA GLU A 253 8.05 -19.98 -10.84
C GLU A 253 8.94 -18.83 -11.31
N PHE A 254 8.70 -17.64 -10.73
CA PHE A 254 9.38 -16.40 -11.09
C PHE A 254 10.72 -16.07 -10.44
N SER A 255 11.31 -16.99 -9.68
CA SER A 255 12.56 -16.64 -9.02
C SER A 255 13.66 -17.70 -8.89
N PHE A 256 13.36 -18.95 -9.21
CA PHE A 256 14.38 -19.98 -9.09
C PHE A 256 15.64 -19.63 -9.86
N CYS A 257 15.48 -18.93 -10.98
CA CYS A 257 16.62 -18.55 -11.82
C CYS A 257 17.49 -17.41 -11.28
N ASP A 258 16.90 -16.52 -10.48
CA ASP A 258 17.64 -15.40 -9.91
C ASP A 258 18.61 -15.95 -8.87
N LEU A 259 19.91 -15.89 -9.16
CA LEU A 259 20.90 -16.43 -8.24
C LEU A 259 20.79 -15.83 -6.83
N VAL A 260 20.46 -14.55 -6.74
CA VAL A 260 20.34 -13.89 -5.44
C VAL A 260 19.01 -14.13 -4.73
N ASN A 261 17.92 -14.08 -5.51
CA ASN A 261 16.59 -14.26 -4.94
C ASN A 261 15.96 -15.61 -5.22
N LYS A 262 16.77 -16.68 -5.25
CA LYS A 262 16.23 -18.01 -5.54
C LYS A 262 15.05 -18.47 -4.69
N GLU A 263 15.13 -18.27 -3.38
CA GLU A 263 14.09 -18.71 -2.47
C GLU A 263 12.84 -17.84 -2.31
N ILE A 264 12.89 -16.60 -2.80
CA ILE A 264 11.77 -15.70 -2.64
C ILE A 264 10.38 -16.25 -2.98
N LYS A 265 10.23 -16.90 -4.12
CA LYS A 265 8.91 -17.43 -4.50
C LYS A 265 8.42 -18.40 -3.43
N ASN A 266 9.29 -19.30 -2.99
CA ASN A 266 8.90 -20.25 -1.96
C ASN A 266 8.49 -19.51 -0.70
N LYS A 267 9.36 -18.62 -0.24
CA LYS A 267 9.10 -17.88 0.99
C LYS A 267 7.82 -17.08 0.95
N MET A 268 7.35 -16.73 -0.25
CA MET A 268 6.10 -15.99 -0.38
C MET A 268 4.94 -16.97 -0.23
N ASP A 269 5.05 -18.12 -0.90
CA ASP A 269 4.01 -19.17 -0.81
C ASP A 269 3.83 -19.51 0.66
N ASN A 270 4.94 -19.58 1.40
CA ASN A 270 4.91 -19.90 2.82
C ASN A 270 4.03 -18.93 3.60
N VAL A 271 4.12 -17.65 3.25
CA VAL A 271 3.32 -16.63 3.91
C VAL A 271 1.86 -16.74 3.47
N ILE A 272 1.64 -16.67 2.16
CA ILE A 272 0.30 -16.74 1.62
C ILE A 272 -0.47 -17.96 2.14
N SER A 273 0.20 -19.09 2.23
CA SER A 273 -0.46 -20.29 2.72
C SER A 273 -1.02 -20.18 4.12
N GLN A 274 -0.37 -19.39 4.96
CA GLN A 274 -0.85 -19.21 6.32
C GLN A 274 -1.96 -18.17 6.38
N LEU A 275 -2.41 -17.70 5.21
CA LEU A 275 -3.43 -16.68 5.15
C LEU A 275 -4.87 -17.16 5.05
N ASP A 276 -5.05 -18.44 4.73
CA ASP A 276 -6.38 -19.00 4.57
C ASP A 276 -7.32 -18.68 5.75
N THR A 277 -8.53 -18.22 5.43
CA THR A 277 -9.54 -17.84 6.41
C THR A 277 -10.92 -17.87 5.78
N LYS A 278 -11.95 -18.18 6.58
CA LYS A 278 -13.33 -18.24 6.08
C LYS A 278 -13.77 -16.88 5.55
N ILE A 279 -13.13 -15.82 6.03
CA ILE A 279 -13.44 -14.48 5.61
C ILE A 279 -13.40 -14.35 4.08
N PHE A 280 -12.48 -15.09 3.46
CA PHE A 280 -12.32 -15.07 2.01
C PHE A 280 -13.58 -15.55 1.28
N ASN A 281 -14.50 -16.16 2.02
CA ASN A 281 -15.73 -16.65 1.43
C ASN A 281 -16.67 -15.46 1.12
N GLU A 282 -16.52 -14.40 1.91
CA GLU A 282 -17.33 -13.21 1.72
C GLU A 282 -16.83 -12.42 0.52
N ASP A 283 -17.76 -11.92 -0.28
CA ASP A 283 -17.43 -11.15 -1.46
C ASP A 283 -17.11 -9.73 -0.98
N LEU A 284 -15.86 -9.54 -0.56
CA LEU A 284 -15.39 -8.26 -0.03
C LEU A 284 -15.50 -7.06 -0.95
N VAL A 285 -15.18 -7.23 -2.23
CA VAL A 285 -15.25 -6.12 -3.17
C VAL A 285 -16.45 -6.23 -4.11
N PHE A 286 -17.43 -7.04 -3.74
CA PHE A 286 -18.64 -7.23 -4.54
C PHE A 286 -18.35 -7.63 -6.00
N ALA A 287 -17.42 -8.56 -6.19
CA ALA A 287 -17.08 -9.00 -7.53
C ALA A 287 -18.27 -9.67 -8.22
N ASN A 288 -19.00 -10.48 -7.46
CA ASN A 288 -20.16 -11.19 -7.99
C ASN A 288 -21.44 -10.37 -7.97
N ASP A 289 -21.31 -9.06 -7.76
CA ASP A 289 -22.48 -8.19 -7.69
C ASP A 289 -22.28 -6.91 -8.49
N LEU A 290 -21.07 -6.70 -8.99
CA LEU A 290 -20.79 -5.49 -9.73
C LEU A 290 -20.90 -5.65 -11.23
N SER A 291 -21.39 -4.60 -11.88
CA SER A 291 -21.52 -4.55 -13.33
C SER A 291 -20.10 -4.74 -13.85
N LEU A 292 -19.97 -5.17 -15.09
CA LEU A 292 -18.65 -5.39 -15.67
C LEU A 292 -18.00 -4.05 -16.04
N THR A 293 -18.82 -3.01 -16.18
CA THR A 293 -18.29 -1.69 -16.48
C THR A 293 -18.06 -0.92 -15.19
N LEU A 294 -18.83 -1.26 -14.16
CA LEU A 294 -18.68 -0.62 -12.86
C LEU A 294 -17.31 -1.03 -12.33
N LYS A 295 -16.94 -2.28 -12.61
CA LYS A 295 -15.66 -2.81 -12.19
C LYS A 295 -14.50 -2.05 -12.81
N ASP A 296 -14.67 -1.60 -14.06
CA ASP A 296 -13.61 -0.87 -14.74
C ASP A 296 -13.56 0.56 -14.22
N GLU A 297 -14.72 1.09 -13.86
CA GLU A 297 -14.81 2.44 -13.33
C GLU A 297 -14.12 2.43 -11.97
N PHE A 298 -14.41 1.38 -11.20
CA PHE A 298 -13.81 1.21 -9.88
C PHE A 298 -12.29 1.15 -10.06
N ARG A 299 -11.83 0.38 -11.03
CA ARG A 299 -10.39 0.25 -11.31
C ARG A 299 -9.83 1.61 -11.74
N SER A 300 -10.61 2.35 -12.52
CA SER A 300 -10.19 3.65 -13.02
C SER A 300 -10.09 4.70 -11.90
N ARG A 301 -11.01 4.65 -10.95
CA ARG A 301 -10.96 5.59 -9.85
C ARG A 301 -9.59 5.46 -9.20
N PHE A 302 -9.16 4.22 -8.97
CA PHE A 302 -7.83 4.02 -8.39
C PHE A 302 -6.78 4.24 -9.47
N ASN A 304 -5.68 6.50 -10.94
CA ASN A 304 -6.21 7.85 -10.71
C ASN A 304 -5.97 8.36 -9.29
N VAL A 305 -6.28 7.55 -8.28
CA VAL A 305 -6.00 7.94 -6.91
C VAL A 305 -4.46 7.88 -6.86
N THR A 306 -3.91 6.95 -7.63
CA THR A 306 -2.46 6.78 -7.73
C THR A 306 -1.81 8.00 -8.36
N LYS A 307 -2.59 8.73 -9.17
CA LYS A 307 -2.08 9.92 -9.84
C LYS A 307 -1.98 11.12 -8.92
N ILE A 308 -3.00 11.32 -8.10
CA ILE A 308 -3.03 12.45 -7.18
C ILE A 308 -1.83 12.35 -6.24
N MET A 309 -1.36 11.13 -6.04
CA MET A 309 -0.20 10.92 -5.19
C MET A 309 0.93 11.85 -5.61
N ASP A 310 0.99 12.23 -6.88
CA ASP A 310 2.04 13.12 -7.35
C ASP A 310 1.82 14.53 -6.88
N CYS A 311 0.66 14.78 -6.26
CA CYS A 311 0.35 16.09 -5.75
C CYS A 311 0.83 16.22 -4.30
N VAL A 312 1.24 15.08 -3.73
CA VAL A 312 1.74 15.00 -2.36
C VAL A 312 3.15 15.56 -2.30
N GLN A 313 3.32 16.73 -1.69
CA GLN A 313 4.63 17.36 -1.63
C GLN A 313 5.64 16.70 -0.68
N CYS A 314 5.17 15.89 0.27
CA CYS A 314 6.09 15.21 1.18
C CYS A 314 6.60 13.98 0.41
N ASP A 315 7.91 13.95 0.16
CA ASP A 315 8.54 12.89 -0.62
C ASP A 315 8.30 11.47 -0.14
N ARG A 316 8.44 11.23 1.16
CA ARG A 316 8.23 9.88 1.70
C ARG A 316 6.76 9.50 1.69
N CYS A 317 5.90 10.50 1.84
CA CYS A 317 4.47 10.27 1.83
C CYS A 317 4.05 9.92 0.42
N ARG A 318 4.65 10.61 -0.57
CA ARG A 318 4.33 10.35 -1.97
C ARG A 318 4.73 8.93 -2.29
N LEU A 319 5.94 8.59 -1.91
CA LEU A 319 6.49 7.26 -2.12
C LEU A 319 5.57 6.16 -1.63
N TRP A 320 5.31 6.15 -0.33
CA TRP A 320 4.47 5.12 0.25
C TRP A 320 3.02 5.21 -0.17
N GLY A 321 2.58 6.42 -0.51
CA GLY A 321 1.21 6.60 -0.96
C GLY A 321 1.06 5.90 -2.29
N LYS A 322 2.02 6.16 -3.16
CA LYS A 322 2.04 5.57 -4.50
C LYS A 322 2.10 4.06 -4.44
N ILE A 323 2.92 3.52 -3.55
CA ILE A 323 3.05 2.08 -3.38
C ILE A 323 1.75 1.43 -2.93
N GLN A 324 1.06 2.08 -1.99
CA GLN A 324 -0.19 1.53 -1.48
C GLN A 324 -1.37 1.66 -2.43
N THR A 325 -1.47 2.79 -3.13
CA THR A 325 -2.57 2.95 -4.09
C THR A 325 -2.38 1.95 -5.23
N THR A 326 -1.13 1.76 -5.64
CA THR A 326 -0.83 0.79 -6.68
C THR A 326 -1.14 -0.60 -6.13
N GLY A 327 -0.85 -0.79 -4.84
CA GLY A 327 -1.12 -2.07 -4.21
C GLY A 327 -2.62 -2.37 -4.27
N TYR A 328 -3.44 -1.40 -3.89
CA TYR A 328 -4.88 -1.61 -3.92
C TYR A 328 -5.42 -1.79 -5.35
N ALA A 329 -4.94 -0.96 -6.27
CA ALA A 329 -5.38 -1.06 -7.66
C ALA A 329 -5.05 -2.45 -8.19
N THR A 330 -3.91 -2.99 -7.76
CA THR A 330 -3.49 -4.31 -8.18
C THR A 330 -4.45 -5.32 -7.59
N ALA A 331 -4.69 -5.20 -6.29
CA ALA A 331 -5.61 -6.09 -5.60
C ALA A 331 -6.98 -6.12 -6.29
N LEU A 332 -7.53 -4.93 -6.58
CA LEU A 332 -8.83 -4.82 -7.24
C LEU A 332 -8.82 -5.53 -8.58
N LYS A 333 -7.78 -5.28 -9.38
CA LYS A 333 -7.64 -5.94 -10.68
C LYS A 333 -7.68 -7.46 -10.51
N ILE A 334 -6.88 -7.98 -9.59
CA ILE A 334 -6.84 -9.41 -9.33
C ILE A 334 -8.21 -9.96 -8.97
N LEU A 335 -8.81 -9.43 -7.91
CA LEU A 335 -10.11 -9.88 -7.44
C LEU A 335 -11.21 -9.73 -8.48
N PHE A 336 -11.19 -8.65 -9.24
CA PHE A 336 -12.22 -8.48 -10.26
C PHE A 336 -12.06 -9.46 -11.42
N GLU A 337 -10.85 -9.51 -12.00
CA GLU A 337 -10.59 -10.40 -13.13
C GLU A 337 -10.62 -11.90 -12.82
N ILE A 338 -9.88 -12.34 -11.83
CA ILE A 338 -9.87 -13.75 -11.49
C ILE A 338 -11.27 -14.25 -11.12
N ASN A 339 -12.15 -13.31 -10.79
CA ASN A 339 -13.53 -13.62 -10.41
C ASN A 339 -14.24 -14.41 -11.50
N ASP A 340 -14.26 -13.85 -12.71
CA ASP A 340 -14.92 -14.51 -13.82
C ASP A 340 -14.33 -15.89 -14.11
N ALA A 341 -13.16 -16.15 -13.52
CA ALA A 341 -12.46 -17.44 -13.65
C ALA A 341 -11.91 -17.81 -15.02
N ASP A 342 -11.98 -19.10 -15.34
CA ASP A 342 -11.48 -19.70 -16.58
C ASP A 342 -9.99 -19.96 -16.34
N GLU A 343 -9.65 -21.22 -16.07
CA GLU A 343 -8.28 -21.61 -15.77
C GLU A 343 -7.18 -21.07 -16.68
N PHE A 344 -7.39 -21.11 -17.99
CA PHE A 344 -6.37 -20.57 -18.89
C PHE A 344 -6.19 -19.09 -18.55
N THR A 345 -7.30 -18.37 -18.51
CA THR A 345 -7.32 -16.95 -18.20
C THR A 345 -6.67 -16.63 -16.85
N LYS A 346 -7.14 -17.27 -15.78
CA LYS A 346 -6.59 -17.06 -14.44
C LYS A 346 -5.06 -17.16 -14.47
N GLN A 347 -4.56 -18.24 -15.08
CA GLN A 347 -3.12 -18.44 -15.19
C GLN A 347 -2.46 -17.28 -15.92
N HIS A 348 -3.16 -16.75 -16.92
CA HIS A 348 -2.64 -15.64 -17.71
C HIS A 348 -2.61 -14.34 -16.91
N ILE A 349 -3.74 -14.04 -16.26
CA ILE A 349 -3.89 -12.85 -15.45
C ILE A 349 -2.76 -12.70 -14.44
N VAL A 350 -2.46 -13.76 -13.71
CA VAL A 350 -1.40 -13.73 -12.71
C VAL A 350 -0.01 -13.73 -13.32
N GLY A 351 0.15 -14.43 -14.45
CA GLY A 351 1.46 -14.49 -15.09
C GLY A 351 1.84 -13.20 -15.80
N LYS A 352 0.84 -12.47 -16.29
CA LYS A 352 1.10 -11.23 -16.99
C LYS A 352 1.02 -10.03 -16.01
N LEU A 353 1.22 -10.34 -14.73
CA LEU A 353 1.26 -9.36 -13.65
C LEU A 353 2.75 -8.97 -13.62
N THR A 354 3.05 -7.68 -13.49
CA THR A 354 4.45 -7.23 -13.48
C THR A 354 5.12 -7.30 -12.10
N LYS A 355 6.43 -7.46 -12.07
CA LYS A 355 7.16 -7.52 -10.81
C LYS A 355 6.84 -6.27 -9.98
N TYR A 356 6.69 -5.14 -10.67
CA TYR A 356 6.35 -3.86 -10.06
C TYR A 356 5.04 -4.00 -9.28
N GLU A 357 4.02 -4.58 -9.90
CA GLU A 357 2.73 -4.76 -9.24
C GLU A 357 2.81 -5.70 -8.02
N LEU A 358 3.48 -6.83 -8.17
CA LEU A 358 3.61 -7.77 -7.06
C LEU A 358 4.34 -7.10 -5.89
N ILE A 359 5.31 -6.26 -6.22
CA ILE A 359 6.06 -5.57 -5.17
C ILE A 359 5.12 -4.63 -4.43
N ALA A 360 4.36 -3.85 -5.19
CA ALA A 360 3.42 -2.91 -4.61
C ALA A 360 2.39 -3.66 -3.76
N LEU A 361 1.86 -4.75 -4.31
CA LEU A 361 0.85 -5.55 -3.61
C LEU A 361 1.38 -6.07 -2.27
N LEU A 362 2.52 -6.77 -2.29
CA LEU A 362 3.06 -7.30 -1.04
C LEU A 362 3.56 -6.23 -0.08
N GLN A 363 3.99 -5.08 -0.58
CA GLN A 363 4.45 -4.01 0.32
C GLN A 363 3.22 -3.34 0.97
N THR A 364 2.11 -3.37 0.27
CA THR A 364 0.89 -2.78 0.80
C THR A 364 0.38 -3.74 1.88
N PHE A 365 0.56 -5.03 1.67
CA PHE A 365 0.13 -6.00 2.66
C PHE A 365 1.04 -5.79 3.88
N GLY A 366 2.30 -5.47 3.62
CA GLY A 366 3.23 -5.24 4.72
C GLY A 366 2.83 -4.05 5.59
N ARG A 367 2.29 -3.01 4.97
CA ARG A 367 1.87 -1.84 5.74
C ARG A 367 0.63 -2.19 6.57
N LEU A 368 -0.27 -2.97 5.98
CA LEU A 368 -1.49 -3.37 6.68
C LEU A 368 -1.14 -4.29 7.86
N SER A 369 -0.31 -5.29 7.60
CA SER A 369 0.13 -6.23 8.63
C SER A 369 0.66 -5.47 9.84
N GLU A 370 1.49 -4.47 9.57
CA GLU A 370 2.06 -3.67 10.64
C GLU A 370 1.02 -2.75 11.31
N SER A 371 0.04 -2.28 10.54
CA SER A 371 -0.99 -1.41 11.09
C SER A 371 -1.88 -2.18 12.06
N ILE A 372 -2.16 -3.44 11.72
CA ILE A 372 -2.98 -4.31 12.54
C ILE A 372 -2.24 -4.67 13.83
N GLU A 373 -0.92 -4.81 13.71
CA GLU A 373 -0.07 -5.14 14.83
C GLU A 373 -0.03 -3.93 15.76
N SER A 374 0.11 -2.74 15.17
CA SER A 374 0.17 -1.50 15.94
C SER A 374 -1.12 -1.24 16.72
N VAL A 375 -2.25 -1.70 16.20
CA VAL A 375 -3.51 -1.51 16.90
C VAL A 375 -3.46 -2.32 18.18
N ASN A 376 -3.06 -3.59 18.07
CA ASN A 376 -2.98 -4.44 19.24
C ASN A 376 -2.00 -3.86 20.26
N MET A 377 -0.93 -3.25 19.77
CA MET A 377 0.06 -2.64 20.65
C MET A 377 -0.56 -1.47 21.39
N PHE A 378 -1.29 -0.64 20.66
CA PHE A 378 -1.91 0.52 21.28
C PHE A 378 -3.02 0.15 22.26
N GLU A 379 -3.71 -0.95 22.02
CA GLU A 379 -4.76 -1.38 22.93
C GLU A 379 -4.12 -1.83 24.25
N LYS A 380 -2.98 -2.49 24.15
CA LYS A 380 -2.25 -2.97 25.33
C LYS A 380 -1.48 -1.83 25.98
N MET A 381 -1.32 -0.74 25.24
CA MET A 381 -0.61 0.44 25.72
C MET A 381 -1.63 1.30 26.45
N TYR A 382 -2.83 1.36 25.85
CA TYR A 382 -3.96 2.11 26.36
C TYR A 382 -4.39 1.47 27.68
N GLY A 383 -3.98 0.22 27.85
CA GLY A 383 -4.31 -0.53 29.05
C GLY A 383 -3.37 -0.20 30.19
N LYS A 384 -2.09 -0.53 30.04
CA LYS A 384 -1.08 -0.26 31.06
C LYS A 384 -1.14 1.17 31.55
N ARG A 385 -1.95 1.98 30.88
CA ARG A 385 -2.13 3.39 31.23
C ARG A 385 -2.86 3.43 32.58
N LEU A 386 -3.33 2.27 33.01
CA LEU A 386 -4.07 2.13 34.25
C LEU A 386 -3.44 1.08 35.18
CD CD B . 7.26 1.04 10.74
CD CD C . -4.01 -9.75 -20.94
O1 NEN D . -18.31 14.26 -5.56
N1 NEN D . -20.11 14.97 -6.81
C1 NEN D . -18.94 13.12 -7.62
O2 NEN D . -21.80 15.09 -8.37
C2 NEN D . -19.04 14.14 -6.53
C3 NEN D . -20.85 14.53 -7.90
C4 NEN D . -20.25 13.21 -8.40
C5 NEN D . -20.44 16.18 -6.03
C6 NEN D . -19.75 17.45 -6.57
PA FAD E . -6.54 13.69 8.67
O1A FAD E . -5.99 13.43 7.30
O2A FAD E . -6.43 12.91 9.94
O5B FAD E . -7.92 14.37 8.30
C5B FAD E . -8.71 14.31 7.13
C4B FAD E . -10.15 14.37 7.55
O4B FAD E . -10.69 13.10 7.09
C3B FAD E . -10.73 14.69 8.95
O3B FAD E . -11.87 15.53 8.69
C2B FAD E . -11.07 13.37 9.46
O2B FAD E . -12.29 13.55 10.11
C1B FAD E . -11.12 12.39 8.27
N9A FAD E . -10.38 11.19 8.43
C8A FAD E . -9.15 10.86 9.06
N7A FAD E . -8.92 9.57 9.02
C5A FAD E . -10.00 8.99 8.35
C6A FAD E . -10.42 7.71 7.95
N6A FAD E . -9.64 6.69 8.29
N1A FAD E . -11.58 7.43 7.24
C2A FAD E . -12.45 8.42 6.93
N3A FAD E . -12.04 9.70 7.31
C4A FAD E . -10.84 9.94 8.01
N1 FAD E . 1.95 11.80 7.24
C2 FAD E . 3.08 11.38 7.92
O2 FAD E . 3.48 12.13 8.84
N3 FAD E . 3.58 10.29 7.25
C4 FAD E . 3.11 9.71 6.05
O4 FAD E . 3.89 8.78 5.63
C4X FAD E . 2.02 10.27 5.39
N5 FAD E . 1.51 9.93 4.09
C5X FAD E . 0.40 10.52 3.42
C6 FAD E . -0.09 10.00 2.20
C7 FAD E . -1.12 10.71 1.53
C7M FAD E . -1.75 9.95 0.36
C8 FAD E . -1.68 11.93 1.99
C8M FAD E . -2.75 12.77 1.29
C9 FAD E . -1.20 12.37 3.23
C9A FAD E . -0.24 11.71 4.03
N10 FAD E . 0.29 11.93 5.41
C10 FAD E . 1.38 11.36 6.06
C1' FAD E . -0.39 12.93 6.16
C2' FAD E . -1.57 12.56 6.98
O2' FAD E . -2.48 11.62 6.35
C3' FAD E . -2.22 13.82 7.47
O3' FAD E . -3.25 14.46 6.75
C4' FAD E . -2.20 14.12 8.97
O4' FAD E . -1.24 13.62 9.94
C5' FAD E . -2.44 15.50 9.39
O5' FAD E . -3.67 14.97 9.90
P FAD E . -4.94 15.84 10.17
O1P FAD E . -5.48 15.65 11.51
O2P FAD E . -4.78 17.27 9.78
O3P FAD E . -6.04 15.03 9.36
#